data_3IHL
#
_entry.id   3IHL
#
_cell.length_a   168.250
_cell.length_b   168.250
_cell.length_c   132.000
_cell.angle_alpha   90.00
_cell.angle_beta   90.00
_cell.angle_gamma   120.00
#
_symmetry.space_group_name_H-M   'P 62 2 2'
#
loop_
_entity.id
_entity.type
_entity.pdbx_description
1 polymer 'CTP synthase 2'
2 non-polymer "ADENOSINE-5'-DIPHOSPHATE"
3 non-polymer 'PHOSPHATE ION'
4 water water
#
_entity_poly.entity_id   1
_entity_poly.type   'polypeptide(L)'
_entity_poly.pdbx_seq_one_letter_code
;MKYILVTGGVISGIGKGIIASSIGTILKSCGLRVTAIKIDPYINIDAGTFSPYEHGEVFVLNDGGEVDLDLGNYERFLDI
NLYKDNNITTGKIYQHVINKERRGDYLGKTVQVVPHITDAVQEWVMNQAKVPVDGNKEEPQICVIELGGTIGDIEGMPFV
EAFRQFQFKAKRENFCNIHVSLVPQLSATGEQKTKPTQNSVRALRGLGLSPDLIVCRSSTPIEMAVKEKISMFCHVNPEQ
VICIHDVSSTYRVPVLLEEQSIVKYFKERLHLPIGAHHHHHH
;
_entity_poly.pdbx_strand_id   A,B
#
# COMPACT_ATOMS: atom_id res chain seq x y z
N MET A 1 1.33 4.20 -22.61
CA MET A 1 0.14 4.86 -22.05
C MET A 1 0.40 5.15 -20.58
N LYS A 2 -0.02 6.32 -20.14
CA LYS A 2 -0.03 6.64 -18.73
C LYS A 2 -1.47 6.74 -18.27
N TYR A 3 -1.75 6.35 -17.04
CA TYR A 3 -3.12 6.25 -16.57
C TYR A 3 -3.30 7.04 -15.28
N ILE A 4 -4.39 7.80 -15.19
CA ILE A 4 -4.78 8.50 -13.96
C ILE A 4 -6.18 8.00 -13.56
N LEU A 5 -6.30 7.38 -12.38
CA LEU A 5 -7.57 6.79 -11.95
C LEU A 5 -8.24 7.67 -10.89
N VAL A 6 -9.47 8.11 -11.14
CA VAL A 6 -10.17 8.96 -10.21
C VAL A 6 -11.24 8.13 -9.51
N THR A 7 -11.15 8.03 -8.18
CA THR A 7 -12.17 7.37 -7.38
C THR A 7 -12.76 8.35 -6.40
N GLY A 8 -13.91 8.00 -5.83
CA GLY A 8 -14.57 8.86 -4.83
C GLY A 8 -14.78 8.21 -3.46
N GLY A 9 -14.90 9.01 -2.42
CA GLY A 9 -15.11 8.47 -1.06
C GLY A 9 -16.19 9.14 -0.20
N VAL A 10 -16.64 8.42 0.81
CA VAL A 10 -17.63 8.87 1.79
C VAL A 10 -19.03 9.00 1.21
N ILE A 11 -19.19 9.79 0.16
CA ILE A 11 -20.50 9.98 -0.48
C ILE A 11 -20.44 10.01 -2.00
N SER A 12 -21.56 9.71 -2.63
CA SER A 12 -21.74 9.98 -4.04
C SER A 12 -21.97 11.49 -4.22
N GLY A 13 -21.92 11.95 -5.47
CA GLY A 13 -22.05 13.36 -5.78
C GLY A 13 -20.95 14.19 -5.17
N ILE A 14 -19.75 13.60 -5.06
CA ILE A 14 -18.63 14.23 -4.37
C ILE A 14 -17.78 15.05 -5.34
N GLY A 15 -17.96 14.85 -6.66
CA GLY A 15 -17.18 15.61 -7.67
C GLY A 15 -16.23 14.80 -8.56
N LYS A 16 -16.40 13.48 -8.61
CA LYS A 16 -15.50 12.64 -9.38
C LYS A 16 -15.45 13.12 -10.82
N GLY A 17 -16.62 13.38 -11.39
CA GLY A 17 -16.72 13.78 -12.78
C GLY A 17 -16.01 15.08 -13.04
N ILE A 18 -16.21 16.08 -12.19
CA ILE A 18 -15.59 17.39 -12.41
C ILE A 18 -14.08 17.33 -12.30
N ILE A 19 -13.59 16.56 -11.32
CA ILE A 19 -12.15 16.39 -11.17
C ILE A 19 -11.60 15.65 -12.39
N ALA A 20 -12.26 14.55 -12.79
CA ALA A 20 -11.76 13.74 -13.89
C ALA A 20 -11.68 14.64 -15.10
N SER A 21 -12.71 15.47 -15.23
CA SER A 21 -12.85 16.33 -16.37
C SER A 21 -11.82 17.46 -16.35
N SER A 22 -11.58 18.04 -15.17
CA SER A 22 -10.70 19.19 -15.05
C SER A 22 -9.25 18.80 -15.25
N ILE A 23 -8.85 17.66 -14.69
CA ILE A 23 -7.50 17.14 -14.93
C ILE A 23 -7.29 16.97 -16.43
N GLY A 24 -8.27 16.37 -17.11
CA GLY A 24 -8.22 16.24 -18.55
C GLY A 24 -8.01 17.56 -19.24
N THR A 25 -8.87 18.53 -18.95
CA THR A 25 -8.74 19.89 -19.51
C THR A 25 -7.38 20.52 -19.26
N ILE A 26 -6.88 20.38 -18.03
CA ILE A 26 -5.60 20.98 -17.67
C ILE A 26 -4.48 20.36 -18.48
N LEU A 27 -4.44 19.03 -18.52
CA LEU A 27 -3.36 18.36 -19.21
C LEU A 27 -3.35 18.64 -20.72
N LYS A 28 -4.53 18.79 -21.35
CA LYS A 28 -4.61 19.07 -22.78
C LYS A 28 -4.02 20.43 -23.10
N SER A 29 -4.14 21.37 -22.16
CA SER A 29 -3.62 22.72 -22.37
C SER A 29 -2.10 22.80 -22.24
N CYS A 30 -1.46 21.72 -21.80
CA CYS A 30 -0.01 21.63 -21.83
C CYS A 30 0.46 20.79 -23.01
N GLY A 31 -0.41 20.58 -23.99
CA GLY A 31 -0.03 19.95 -25.26
C GLY A 31 -0.05 18.42 -25.31
N LEU A 32 -0.74 17.81 -24.35
CA LEU A 32 -0.76 16.35 -24.22
C LEU A 32 -2.02 15.76 -24.84
N ARG A 33 -1.88 14.68 -25.59
CA ARG A 33 -3.04 13.93 -26.08
C ARG A 33 -3.70 13.12 -24.94
N VAL A 34 -4.84 13.61 -24.46
CA VAL A 34 -5.54 13.03 -23.31
C VAL A 34 -6.83 12.34 -23.75
N THR A 35 -7.08 11.13 -23.26
CA THR A 35 -8.31 10.39 -23.57
C THR A 35 -9.04 10.11 -22.27
N ALA A 36 -10.29 9.68 -22.37
CA ALA A 36 -11.14 9.49 -21.17
C ALA A 36 -11.92 8.17 -21.26
N ILE A 37 -11.94 7.46 -20.14
CA ILE A 37 -12.68 6.24 -20.01
C ILE A 37 -13.55 6.41 -18.77
N LYS A 38 -14.82 6.02 -18.86
CA LYS A 38 -15.73 6.09 -17.72
C LYS A 38 -16.17 4.69 -17.38
N ILE A 39 -16.07 4.32 -16.11
CA ILE A 39 -16.61 3.05 -15.61
C ILE A 39 -17.83 3.32 -14.73
N ASP A 40 -18.97 2.73 -15.09
CA ASP A 40 -20.20 2.84 -14.32
C ASP A 40 -20.45 1.50 -13.68
N PRO A 41 -20.45 1.43 -12.35
CA PRO A 41 -20.58 0.12 -11.73
C PRO A 41 -21.97 -0.50 -11.82
N TYR A 42 -22.88 0.11 -12.55
CA TYR A 42 -24.24 -0.42 -12.57
C TYR A 42 -24.36 -1.54 -13.60
N ILE A 43 -25.51 -2.22 -13.59
CA ILE A 43 -25.70 -3.41 -14.41
C ILE A 43 -26.30 -3.16 -15.79
N ASN A 44 -26.82 -1.96 -16.03
CA ASN A 44 -27.44 -1.64 -17.32
C ASN A 44 -26.46 -1.77 -18.49
N ILE A 45 -27.00 -2.13 -19.64
CA ILE A 45 -26.27 -2.22 -20.92
C ILE A 45 -26.99 -1.41 -22.00
N ASN A 86 -15.94 3.37 -25.03
CA ASN A 86 -15.14 4.09 -24.03
C ASN A 86 -15.85 4.23 -22.67
N ASN A 87 -17.00 3.58 -22.54
CA ASN A 87 -17.74 3.53 -21.29
C ASN A 87 -17.98 2.08 -20.94
N ILE A 88 -17.54 1.62 -19.79
CA ILE A 88 -17.77 0.21 -19.43
C ILE A 88 -18.71 0.14 -18.21
N THR A 89 -19.44 -0.97 -18.09
CA THR A 89 -20.34 -1.13 -16.96
C THR A 89 -20.23 -2.56 -16.44
N THR A 90 -20.76 -2.80 -15.25
CA THR A 90 -20.75 -4.16 -14.70
C THR A 90 -21.48 -5.10 -15.64
N GLY A 91 -22.62 -4.64 -16.15
CA GLY A 91 -23.40 -5.42 -17.08
C GLY A 91 -22.56 -5.87 -18.27
N LYS A 92 -21.91 -4.91 -18.92
CA LYS A 92 -21.17 -5.19 -20.16
C LYS A 92 -20.06 -6.19 -19.91
N ILE A 93 -19.30 -5.97 -18.84
CA ILE A 93 -18.13 -6.80 -18.58
C ILE A 93 -18.54 -8.20 -18.12
N TYR A 94 -19.53 -8.30 -17.24
CA TYR A 94 -20.02 -9.60 -16.85
C TYR A 94 -20.70 -10.34 -18.01
N GLN A 95 -21.45 -9.64 -18.86
CA GLN A 95 -22.10 -10.29 -19.99
C GLN A 95 -21.04 -10.84 -20.94
N HIS A 96 -19.97 -10.08 -21.15
CA HIS A 96 -18.87 -10.48 -22.02
C HIS A 96 -18.24 -11.81 -21.55
N VAL A 97 -17.81 -11.84 -20.29
CA VAL A 97 -17.15 -13.02 -19.74
C VAL A 97 -18.11 -14.22 -19.63
N ILE A 98 -19.37 -13.98 -19.25
CA ILE A 98 -20.39 -15.02 -19.20
C ILE A 98 -20.54 -15.64 -20.59
N ASN A 99 -20.70 -14.78 -21.61
CA ASN A 99 -20.81 -15.23 -23.00
C ASN A 99 -19.60 -15.99 -23.50
N LYS A 100 -18.41 -15.51 -23.15
CA LYS A 100 -17.18 -16.24 -23.47
C LYS A 100 -17.20 -17.62 -22.83
N GLU A 101 -17.63 -17.71 -21.58
CA GLU A 101 -17.61 -18.96 -20.87
C GLU A 101 -18.62 -19.92 -21.47
N ARG A 102 -19.81 -19.39 -21.69
CA ARG A 102 -20.91 -20.09 -22.31
C ARG A 102 -20.58 -20.71 -23.67
N ARG A 103 -19.73 -20.08 -24.47
CA ARG A 103 -19.35 -20.69 -25.75
C ARG A 103 -18.03 -21.46 -25.69
N GLY A 104 -17.45 -21.58 -24.51
CA GLY A 104 -16.33 -22.48 -24.31
C GLY A 104 -14.95 -21.90 -24.51
N ASP A 105 -14.82 -20.59 -24.44
CA ASP A 105 -13.51 -19.96 -24.58
C ASP A 105 -12.52 -20.40 -23.52
N TYR A 106 -12.98 -20.72 -22.32
CA TYR A 106 -12.08 -21.06 -21.25
C TYR A 106 -11.88 -22.56 -21.09
N LEU A 107 -12.29 -23.33 -22.10
CA LEU A 107 -12.03 -24.78 -22.19
C LEU A 107 -12.48 -25.63 -20.97
N GLY A 108 -13.62 -25.28 -20.37
CA GLY A 108 -14.16 -26.04 -19.25
C GLY A 108 -13.73 -25.62 -17.86
N LYS A 109 -12.65 -24.84 -17.77
CA LYS A 109 -12.10 -24.34 -16.51
C LYS A 109 -13.09 -23.54 -15.71
N THR A 110 -12.82 -23.42 -14.42
CA THR A 110 -13.65 -22.62 -13.57
C THR A 110 -13.32 -21.17 -13.85
N VAL A 111 -14.35 -20.37 -14.09
CA VAL A 111 -14.17 -18.96 -14.40
C VAL A 111 -14.56 -18.19 -13.16
N GLN A 112 -13.75 -17.21 -12.79
CA GLN A 112 -13.95 -16.48 -11.55
C GLN A 112 -13.88 -14.97 -11.77
N VAL A 113 -14.45 -14.20 -10.85
CA VAL A 113 -14.33 -12.74 -10.91
C VAL A 113 -12.87 -12.35 -10.97
N VAL A 114 -12.08 -12.85 -10.03
CA VAL A 114 -10.63 -12.74 -10.08
C VAL A 114 -10.13 -14.10 -10.46
N PRO A 115 -9.41 -14.24 -11.59
CA PRO A 115 -8.86 -13.25 -12.52
C PRO A 115 -9.64 -12.91 -13.80
N HIS A 116 -10.76 -13.56 -14.08
CA HIS A 116 -11.33 -13.49 -15.40
C HIS A 116 -12.09 -12.20 -15.72
N ILE A 117 -12.90 -11.71 -14.80
CA ILE A 117 -13.52 -10.39 -14.94
C ILE A 117 -12.44 -9.34 -14.89
N THR A 118 -11.59 -9.44 -13.86
CA THR A 118 -10.56 -8.45 -13.63
C THR A 118 -9.54 -8.41 -14.77
N ASP A 119 -9.27 -9.54 -15.41
CA ASP A 119 -8.45 -9.56 -16.63
C ASP A 119 -9.15 -8.82 -17.75
N ALA A 120 -10.46 -9.04 -17.86
CA ALA A 120 -11.23 -8.44 -18.96
C ALA A 120 -11.29 -6.94 -18.76
N VAL A 121 -11.41 -6.49 -17.52
CA VAL A 121 -11.39 -5.06 -17.27
C VAL A 121 -10.06 -4.48 -17.72
N GLN A 122 -8.95 -5.12 -17.36
CA GLN A 122 -7.64 -4.57 -17.68
C GLN A 122 -7.36 -4.61 -19.16
N GLU A 123 -7.77 -5.69 -19.82
CA GLU A 123 -7.62 -5.79 -21.26
C GLU A 123 -8.49 -4.72 -21.94
N TRP A 124 -9.67 -4.45 -21.40
CA TRP A 124 -10.56 -3.46 -21.99
C TRP A 124 -10.01 -2.01 -21.84
N VAL A 125 -9.44 -1.67 -20.69
CA VAL A 125 -8.84 -0.36 -20.45
C VAL A 125 -7.69 -0.08 -21.43
N MET A 126 -6.78 -1.04 -21.57
CA MET A 126 -5.59 -0.87 -22.40
C MET A 126 -5.95 -0.65 -23.86
N ASN A 127 -6.98 -1.36 -24.33
CA ASN A 127 -7.39 -1.25 -25.73
C ASN A 127 -8.13 0.06 -26.02
N GLN A 128 -8.99 0.49 -25.11
CA GLN A 128 -9.64 1.80 -25.25
C GLN A 128 -8.68 2.96 -25.14
N ALA A 129 -7.77 2.89 -24.18
CA ALA A 129 -6.82 3.97 -23.99
C ALA A 129 -5.99 4.24 -25.25
N LYS A 130 -5.75 3.23 -26.09
CA LYS A 130 -4.95 3.42 -27.32
C LYS A 130 -5.68 4.13 -28.46
N VAL A 131 -7.02 4.15 -28.43
CA VAL A 131 -7.82 4.66 -29.56
C VAL A 131 -7.68 6.18 -29.73
N PRO A 132 -7.31 6.65 -30.94
CA PRO A 132 -7.08 8.09 -31.13
C PRO A 132 -8.31 8.95 -30.84
N VAL A 133 -8.09 10.19 -30.39
CA VAL A 133 -9.18 11.12 -30.02
C VAL A 133 -8.89 12.57 -30.38
N ASP A 134 -9.83 13.46 -30.02
CA ASP A 134 -9.70 14.92 -30.20
C ASP A 134 -9.17 15.34 -31.59
N GLY A 135 -9.39 14.50 -32.60
CA GLY A 135 -8.91 14.78 -33.95
C GLY A 135 -7.51 14.28 -34.29
N ASN A 136 -6.69 14.00 -33.27
CA ASN A 136 -5.34 13.46 -33.48
C ASN A 136 -5.40 12.06 -34.06
N LYS A 137 -4.40 11.69 -34.86
CA LYS A 137 -4.27 10.34 -35.40
C LYS A 137 -3.34 9.46 -34.58
N GLU A 138 -2.48 10.09 -33.76
CA GLU A 138 -1.56 9.35 -32.91
C GLU A 138 -2.18 8.91 -31.59
N GLU A 139 -1.60 7.85 -31.04
CA GLU A 139 -2.02 7.26 -29.78
C GLU A 139 -2.01 8.31 -28.68
N PRO A 140 -3.07 8.36 -27.85
CA PRO A 140 -3.06 9.21 -26.67
C PRO A 140 -1.88 8.93 -25.74
N GLN A 141 -1.39 9.97 -25.07
CA GLN A 141 -0.30 9.84 -24.11
C GLN A 141 -0.82 9.54 -22.69
N ILE A 142 -1.98 10.10 -22.34
CA ILE A 142 -2.58 9.91 -21.02
C ILE A 142 -4.05 9.49 -21.10
N CYS A 143 -4.46 8.64 -20.17
CA CYS A 143 -5.83 8.19 -20.05
C CYS A 143 -6.35 8.43 -18.63
N VAL A 144 -7.35 9.31 -18.52
CA VAL A 144 -8.02 9.59 -17.25
C VAL A 144 -9.20 8.65 -17.15
N ILE A 145 -9.20 7.78 -16.14
CA ILE A 145 -10.24 6.78 -15.91
C ILE A 145 -11.07 7.24 -14.74
N GLU A 146 -12.37 7.40 -14.95
CA GLU A 146 -13.28 7.84 -13.91
C GLU A 146 -14.06 6.62 -13.40
N LEU A 147 -13.86 6.25 -12.15
CA LEU A 147 -14.58 5.11 -11.61
C LEU A 147 -15.72 5.63 -10.79
N GLY A 148 -16.94 5.44 -11.30
CA GLY A 148 -18.15 5.77 -10.58
C GLY A 148 -18.36 4.88 -9.39
N GLY A 149 -19.32 5.23 -8.56
CA GLY A 149 -19.50 4.56 -7.28
C GLY A 149 -18.69 5.26 -6.21
N THR A 150 -18.86 4.80 -4.99
CA THR A 150 -18.09 5.26 -3.86
C THR A 150 -17.28 4.06 -3.30
N ILE A 151 -15.98 4.25 -3.12
CA ILE A 151 -15.14 3.26 -2.53
C ILE A 151 -15.79 2.77 -1.24
N GLY A 152 -15.77 1.45 -1.05
CA GLY A 152 -16.40 0.81 0.09
C GLY A 152 -17.62 0.00 -0.29
N ASP A 153 -18.30 0.43 -1.36
CA ASP A 153 -19.46 -0.27 -1.90
C ASP A 153 -19.05 -1.48 -2.74
N ILE A 154 -19.77 -2.58 -2.54
CA ILE A 154 -19.58 -3.84 -3.24
C ILE A 154 -19.55 -3.75 -4.77
N GLU A 155 -20.35 -2.85 -5.35
CA GLU A 155 -20.48 -2.80 -6.83
C GLU A 155 -19.17 -2.39 -7.48
N GLY A 156 -18.33 -1.68 -6.74
CA GLY A 156 -17.11 -1.11 -7.28
C GLY A 156 -15.90 -1.99 -7.14
N MET A 157 -16.02 -3.12 -6.44
CA MET A 157 -14.83 -3.89 -6.06
C MET A 157 -14.17 -4.65 -7.21
N PRO A 158 -14.96 -5.12 -8.18
CA PRO A 158 -14.28 -5.77 -9.29
C PRO A 158 -13.35 -4.81 -9.99
N PHE A 159 -13.74 -3.53 -10.04
CA PHE A 159 -12.97 -2.54 -10.76
C PHE A 159 -11.77 -2.12 -9.92
N VAL A 160 -11.98 -1.89 -8.63
CA VAL A 160 -10.84 -1.56 -7.77
C VAL A 160 -9.83 -2.69 -7.78
N GLU A 161 -10.27 -3.94 -7.74
CA GLU A 161 -9.34 -5.07 -7.79
C GLU A 161 -8.62 -5.15 -9.12
N ALA A 162 -9.31 -4.80 -10.19
CA ALA A 162 -8.69 -4.79 -11.50
C ALA A 162 -7.53 -3.80 -11.50
N PHE A 163 -7.75 -2.64 -10.90
CA PHE A 163 -6.72 -1.61 -10.86
C PHE A 163 -5.61 -1.88 -9.83
N ARG A 164 -5.92 -2.56 -8.72
CA ARG A 164 -4.89 -3.01 -7.79
C ARG A 164 -3.84 -3.82 -8.49
N GLN A 165 -4.28 -4.73 -9.34
CA GLN A 165 -3.41 -5.61 -10.10
C GLN A 165 -2.72 -4.90 -11.25
N PHE A 166 -3.46 -3.99 -11.88
CA PHE A 166 -3.00 -3.27 -13.07
C PHE A 166 -1.81 -2.36 -12.75
N GLN A 167 -1.84 -1.72 -11.58
CA GLN A 167 -0.72 -0.87 -11.15
C GLN A 167 0.62 -1.63 -11.05
N PHE A 168 0.59 -2.94 -10.80
CA PHE A 168 1.80 -3.75 -10.88
C PHE A 168 2.23 -4.05 -12.32
N LYS A 169 1.28 -4.30 -13.24
CA LYS A 169 1.63 -4.49 -14.67
C LYS A 169 2.22 -3.23 -15.28
N ALA A 170 1.53 -2.11 -15.18
CA ALA A 170 2.09 -0.84 -15.60
C ALA A 170 3.31 -0.57 -14.73
N LYS A 171 4.23 0.23 -15.24
CA LYS A 171 5.29 0.74 -14.38
C LYS A 171 4.62 1.75 -13.40
N ARG A 172 5.35 2.16 -12.36
CA ARG A 172 4.79 3.09 -11.37
C ARG A 172 4.58 4.46 -12.01
N GLU A 173 5.54 4.82 -12.86
CA GLU A 173 5.51 6.09 -13.57
C GLU A 173 4.49 6.13 -14.71
N ASN A 174 3.68 5.08 -14.85
CA ASN A 174 2.59 5.08 -15.84
C ASN A 174 1.20 4.91 -15.24
N PHE A 175 1.11 5.02 -13.92
CA PHE A 175 -0.15 4.87 -13.23
C PHE A 175 -0.11 5.61 -11.91
N CYS A 176 -1.14 6.39 -11.65
CA CYS A 176 -1.36 6.95 -10.33
C CYS A 176 -2.85 7.02 -10.12
N ASN A 177 -3.29 7.26 -8.88
CA ASN A 177 -4.70 7.33 -8.61
C ASN A 177 -5.03 8.47 -7.65
N ILE A 178 -6.19 9.07 -7.86
CA ILE A 178 -6.65 10.27 -7.15
C ILE A 178 -7.95 9.96 -6.45
N HIS A 179 -8.06 10.33 -5.18
CA HIS A 179 -9.23 9.97 -4.40
C HIS A 179 -9.97 11.23 -3.96
N VAL A 180 -11.22 11.36 -4.39
CA VAL A 180 -12.02 12.56 -4.12
C VAL A 180 -12.95 12.28 -2.93
N SER A 181 -12.73 12.99 -1.83
CA SER A 181 -13.38 12.62 -0.56
C SER A 181 -13.93 13.81 0.20
N LEU A 182 -14.92 13.54 1.03
CA LEU A 182 -15.67 14.59 1.73
C LEU A 182 -15.03 15.02 3.06
N VAL A 183 -14.84 16.34 3.22
CA VAL A 183 -14.55 16.96 4.51
C VAL A 183 -15.81 17.71 4.98
N PRO A 184 -16.65 17.04 5.77
CA PRO A 184 -17.95 17.61 6.16
C PRO A 184 -17.84 18.66 7.25
N GLN A 185 -18.91 19.42 7.45
CA GLN A 185 -18.89 20.55 8.37
C GLN A 185 -20.30 20.93 8.79
N LEU A 186 -20.68 20.68 10.03
CA LEU A 186 -21.94 21.19 10.56
C LEU A 186 -21.88 22.71 10.71
N SER A 187 -22.96 23.41 10.35
CA SER A 187 -23.06 24.86 10.57
C SER A 187 -23.08 25.26 12.04
N ALA A 188 -23.61 24.39 12.90
CA ALA A 188 -23.68 24.66 14.35
C ALA A 188 -22.32 25.07 14.92
N THR A 189 -21.28 24.30 14.59
CA THR A 189 -19.90 24.48 15.08
C THR A 189 -18.94 25.11 14.07
N GLY A 190 -19.15 24.81 12.78
CA GLY A 190 -18.25 25.30 11.74
C GLY A 190 -16.93 24.55 11.65
N GLU A 191 -16.83 23.40 12.34
CA GLU A 191 -15.61 22.60 12.36
C GLU A 191 -15.56 21.58 11.21
N GLN A 192 -14.56 21.74 10.35
CA GLN A 192 -14.31 20.77 9.30
C GLN A 192 -13.71 19.51 9.92
N LYS A 193 -14.17 18.34 9.48
CA LYS A 193 -13.75 17.07 10.07
C LYS A 193 -13.02 16.20 9.07
N THR A 194 -11.95 15.53 9.51
CA THR A 194 -11.09 14.76 8.62
C THR A 194 -11.32 13.27 8.75
N LYS A 195 -11.99 12.84 9.81
CA LYS A 195 -12.19 11.41 10.05
C LYS A 195 -12.81 10.67 8.88
N PRO A 196 -13.89 11.21 8.29
CA PRO A 196 -14.44 10.49 7.14
C PRO A 196 -13.47 10.25 6.01
N THR A 197 -12.62 11.23 5.72
CA THR A 197 -11.60 11.04 4.68
C THR A 197 -10.52 10.04 5.12
N GLN A 198 -10.15 10.08 6.39
CA GLN A 198 -9.24 9.09 6.93
C GLN A 198 -9.76 7.66 6.75
N ASN A 199 -11.02 7.41 7.11
CA ASN A 199 -11.60 6.08 6.99
C ASN A 199 -11.76 5.70 5.52
N SER A 200 -12.00 6.67 4.66
CA SER A 200 -12.17 6.39 3.24
C SER A 200 -10.84 6.02 2.63
N VAL A 201 -9.80 6.78 2.97
CA VAL A 201 -8.48 6.53 2.45
C VAL A 201 -7.96 5.18 2.92
N ARG A 202 -8.23 4.84 4.18
CA ARG A 202 -7.84 3.55 4.73
C ARG A 202 -8.58 2.37 4.05
N ALA A 203 -9.85 2.57 3.70
CA ALA A 203 -10.61 1.56 2.96
C ALA A 203 -10.07 1.37 1.55
N LEU A 204 -9.56 2.44 0.94
CA LEU A 204 -9.04 2.36 -0.43
C LEU A 204 -7.76 1.56 -0.40
N ARG A 205 -6.97 1.85 0.61
CA ARG A 205 -5.71 1.19 0.92
C ARG A 205 -6.02 -0.29 1.18
N GLY A 206 -7.11 -0.53 1.91
CA GLY A 206 -7.56 -1.89 2.19
C GLY A 206 -7.79 -2.70 0.94
N LEU A 207 -8.30 -2.06 -0.11
CA LEU A 207 -8.62 -2.70 -1.36
C LEU A 207 -7.44 -2.67 -2.31
N GLY A 208 -6.31 -2.11 -1.87
CA GLY A 208 -5.03 -2.31 -2.58
C GLY A 208 -4.51 -1.13 -3.37
N LEU A 209 -5.20 0.01 -3.28
CA LEU A 209 -4.72 1.22 -3.91
C LEU A 209 -4.35 2.24 -2.85
N SER A 210 -3.27 2.96 -3.07
CA SER A 210 -2.85 4.00 -2.16
C SER A 210 -2.87 5.33 -2.89
N PRO A 211 -3.71 6.28 -2.44
CA PRO A 211 -3.92 7.45 -3.27
C PRO A 211 -2.68 8.33 -3.40
N ASP A 212 -2.31 8.69 -4.62
CA ASP A 212 -1.22 9.64 -4.85
C ASP A 212 -1.64 11.10 -4.64
N LEU A 213 -2.93 11.38 -4.78
CA LEU A 213 -3.51 12.69 -4.42
C LEU A 213 -4.85 12.47 -3.74
N ILE A 214 -5.06 13.18 -2.64
CA ILE A 214 -6.34 13.17 -1.96
C ILE A 214 -6.98 14.52 -2.24
N VAL A 215 -8.07 14.53 -3.01
CA VAL A 215 -8.79 15.76 -3.26
C VAL A 215 -9.93 15.90 -2.27
N CYS A 216 -9.74 16.82 -1.31
CA CYS A 216 -10.70 17.06 -0.24
C CYS A 216 -11.76 18.07 -0.63
N ARG A 217 -12.99 17.60 -0.69
CA ARG A 217 -14.14 18.40 -1.09
C ARG A 217 -14.88 18.91 0.14
N SER A 218 -15.13 20.21 0.20
CA SER A 218 -15.80 20.83 1.34
C SER A 218 -16.68 21.97 0.89
N SER A 219 -17.68 22.33 1.71
CA SER A 219 -18.55 23.49 1.43
C SER A 219 -17.81 24.81 1.46
N THR A 220 -16.95 25.00 2.44
CA THR A 220 -16.19 26.23 2.54
C THR A 220 -14.71 25.87 2.47
N PRO A 221 -13.84 26.83 2.16
CA PRO A 221 -12.43 26.47 1.98
C PRO A 221 -11.83 25.79 3.20
N ILE A 222 -11.00 24.78 2.97
CA ILE A 222 -10.27 24.11 4.02
C ILE A 222 -9.10 24.99 4.44
N GLU A 223 -9.02 25.23 5.76
CA GLU A 223 -7.92 25.98 6.34
C GLU A 223 -6.69 25.09 6.59
N MET A 224 -5.57 25.72 6.91
CA MET A 224 -4.27 25.04 6.96
C MET A 224 -4.17 24.04 8.12
N ALA A 225 -4.69 24.41 9.29
CA ALA A 225 -4.76 23.46 10.39
C ALA A 225 -5.39 22.14 9.90
N VAL A 226 -6.58 22.21 9.28
CA VAL A 226 -7.28 21.00 8.82
C VAL A 226 -6.56 20.30 7.64
N LYS A 227 -5.96 21.10 6.77
CA LYS A 227 -5.17 20.59 5.65
C LYS A 227 -3.94 19.80 6.13
N GLU A 228 -3.28 20.27 7.18
CA GLU A 228 -2.16 19.52 7.73
C GLU A 228 -2.62 18.25 8.45
N LYS A 229 -3.79 18.32 9.07
CA LYS A 229 -4.35 17.17 9.77
C LYS A 229 -4.61 15.99 8.82
N ILE A 230 -5.04 16.30 7.59
CA ILE A 230 -5.26 15.28 6.55
C ILE A 230 -3.95 14.67 6.11
N SER A 231 -2.94 15.52 5.92
CA SER A 231 -1.58 15.05 5.61
C SER A 231 -1.06 14.07 6.68
N MET A 232 -1.17 14.49 7.94
CA MET A 232 -0.80 13.67 9.08
C MET A 232 -1.54 12.34 9.14
N PHE A 233 -2.87 12.40 9.24
CA PHE A 233 -3.66 11.22 9.59
C PHE A 233 -3.91 10.24 8.45
N CYS A 234 -4.08 10.74 7.23
CA CYS A 234 -3.80 9.93 6.04
C CYS A 234 -2.28 9.97 5.97
N HIS A 235 -1.65 9.24 5.09
CA HIS A 235 -0.19 9.12 5.28
C HIS A 235 0.52 9.61 4.03
N VAL A 236 0.50 10.93 3.84
CA VAL A 236 0.95 11.55 2.60
C VAL A 236 1.56 12.92 2.85
N ASN A 237 2.31 13.41 1.89
CA ASN A 237 2.94 14.71 2.03
C ASN A 237 1.92 15.82 1.88
N PRO A 238 2.20 17.00 2.44
CA PRO A 238 1.28 18.14 2.29
C PRO A 238 0.83 18.45 0.85
N GLU A 239 1.75 18.38 -0.11
CA GLU A 239 1.47 18.69 -1.51
C GLU A 239 0.58 17.67 -2.21
N GLN A 240 0.31 16.54 -1.55
CA GLN A 240 -0.62 15.52 -2.04
C GLN A 240 -2.05 15.75 -1.54
N VAL A 241 -2.26 16.77 -0.72
CA VAL A 241 -3.56 17.11 -0.22
C VAL A 241 -4.01 18.30 -1.06
N ILE A 242 -4.97 18.06 -1.95
CA ILE A 242 -5.50 19.11 -2.81
C ILE A 242 -6.90 19.44 -2.35
N CYS A 243 -7.14 20.72 -2.06
CA CYS A 243 -8.44 21.15 -1.52
C CYS A 243 -9.29 21.82 -2.58
N ILE A 244 -10.50 21.35 -2.76
CA ILE A 244 -11.42 21.91 -3.74
C ILE A 244 -12.76 22.14 -3.08
N HIS A 245 -13.07 23.40 -2.78
CA HIS A 245 -14.32 23.72 -2.12
C HIS A 245 -15.43 23.92 -3.15
N ASP A 246 -16.67 23.98 -2.63
CA ASP A 246 -17.80 24.40 -3.44
C ASP A 246 -17.52 25.78 -4.03
N VAL A 247 -17.62 25.87 -5.35
CA VAL A 247 -17.44 27.14 -6.07
C VAL A 247 -18.75 27.48 -6.78
N SER A 248 -18.87 28.70 -7.27
CA SER A 248 -20.11 29.14 -7.93
C SER A 248 -20.08 28.84 -9.42
N SER A 249 -18.95 28.39 -9.94
CA SER A 249 -18.86 27.98 -11.32
C SER A 249 -17.74 26.97 -11.51
N THR A 250 -18.01 25.89 -12.23
CA THR A 250 -17.10 24.77 -12.28
C THR A 250 -15.80 25.09 -13.03
N TYR A 251 -15.74 26.20 -13.75
CA TYR A 251 -14.48 26.56 -14.41
C TYR A 251 -13.43 26.90 -13.35
N ARG A 252 -13.88 27.22 -12.15
CA ARG A 252 -12.95 27.54 -11.07
C ARG A 252 -12.20 26.29 -10.58
N VAL A 253 -12.78 25.10 -10.74
CA VAL A 253 -12.11 23.89 -10.30
C VAL A 253 -10.71 23.71 -10.90
N PRO A 254 -10.56 23.80 -12.24
CA PRO A 254 -9.20 23.70 -12.76
C PRO A 254 -8.31 24.87 -12.36
N VAL A 255 -8.90 26.05 -12.13
CA VAL A 255 -8.14 27.16 -11.59
C VAL A 255 -7.59 26.76 -10.22
N LEU A 256 -8.43 26.26 -9.32
CA LEU A 256 -7.95 25.83 -7.99
C LEU A 256 -6.90 24.72 -8.07
N LEU A 257 -7.13 23.72 -8.93
CA LEU A 257 -6.16 22.61 -9.11
C LEU A 257 -4.77 23.12 -9.59
N GLU A 258 -4.74 24.02 -10.56
CA GLU A 258 -3.47 24.58 -11.02
C GLU A 258 -2.82 25.45 -9.95
N GLU A 259 -3.65 26.07 -9.11
CA GLU A 259 -3.17 26.95 -8.04
C GLU A 259 -2.39 26.14 -6.99
N GLN A 260 -2.72 24.85 -6.89
CA GLN A 260 -2.07 23.98 -5.93
C GLN A 260 -1.11 23.02 -6.64
N SER A 261 -0.58 23.46 -7.78
CA SER A 261 0.60 22.86 -8.40
C SER A 261 0.40 21.42 -8.83
N ILE A 262 -0.82 21.10 -9.24
CA ILE A 262 -1.14 19.75 -9.69
C ILE A 262 -0.32 19.36 -10.92
N VAL A 263 0.04 20.30 -11.77
CA VAL A 263 0.83 19.98 -12.97
C VAL A 263 2.27 19.62 -12.58
N LYS A 264 2.90 20.45 -11.74
CA LYS A 264 4.21 20.12 -11.16
C LYS A 264 4.20 18.70 -10.64
N TYR A 265 3.19 18.38 -9.83
CA TYR A 265 3.03 17.03 -9.29
C TYR A 265 2.98 15.95 -10.38
N PHE A 266 2.05 16.09 -11.33
CA PHE A 266 1.91 15.07 -12.36
C PHE A 266 3.16 14.95 -13.23
N LYS A 267 3.85 16.05 -13.47
CA LYS A 267 5.11 16.00 -14.23
C LYS A 267 6.12 15.07 -13.53
N GLU A 268 6.35 15.29 -12.24
CA GLU A 268 7.26 14.46 -11.44
C GLU A 268 6.74 13.03 -11.25
N ARG A 269 5.46 12.87 -10.95
CA ARG A 269 4.90 11.57 -10.61
C ARG A 269 4.72 10.62 -11.79
N LEU A 270 4.42 11.15 -12.97
CA LEU A 270 4.22 10.33 -14.16
C LEU A 270 5.31 10.56 -15.23
N HIS A 271 6.30 11.39 -14.90
CA HIS A 271 7.38 11.72 -15.83
C HIS A 271 6.81 12.18 -17.18
N LEU A 272 6.17 13.34 -17.22
CA LEU A 272 5.47 13.83 -18.40
C LEU A 272 6.27 14.90 -19.16
N PRO A 273 6.26 14.86 -20.51
CA PRO A 273 6.82 15.99 -21.30
C PRO A 273 5.98 17.27 -21.23
N MET B 1 24.96 3.67 6.75
CA MET B 1 24.21 2.57 7.42
C MET B 1 23.19 1.95 6.46
N LYS B 2 23.25 0.63 6.33
CA LYS B 2 22.24 -0.14 5.61
C LYS B 2 21.31 -0.73 6.65
N TYR B 3 20.04 -0.91 6.30
CA TYR B 3 19.06 -1.48 7.23
C TYR B 3 18.25 -2.61 6.60
N ILE B 4 18.03 -3.67 7.36
CA ILE B 4 17.10 -4.74 6.98
C ILE B 4 16.03 -4.86 8.09
N LEU B 5 14.79 -4.49 7.76
CA LEU B 5 13.64 -4.58 8.66
C LEU B 5 12.93 -5.91 8.48
N VAL B 6 12.70 -6.62 9.59
CA VAL B 6 12.01 -7.91 9.55
C VAL B 6 10.67 -7.79 10.25
N THR B 7 9.60 -8.11 9.53
CA THR B 7 8.22 -8.09 10.04
C THR B 7 7.61 -9.49 9.89
N GLY B 8 6.47 -9.68 10.54
CA GLY B 8 5.80 -10.98 10.58
C GLY B 8 4.36 -10.91 10.08
N GLY B 9 3.89 -12.01 9.49
CA GLY B 9 2.53 -12.06 8.92
C GLY B 9 1.69 -13.22 9.43
N VAL B 10 0.38 -13.02 9.44
CA VAL B 10 -0.64 -14.05 9.72
C VAL B 10 -0.67 -14.53 11.15
N ILE B 11 0.47 -14.98 11.69
CA ILE B 11 0.54 -15.37 13.09
C ILE B 11 1.78 -14.82 13.81
N SER B 12 1.69 -14.78 15.13
CA SER B 12 2.87 -14.56 15.98
C SER B 12 3.66 -15.87 16.02
N GLY B 13 4.85 -15.85 16.61
CA GLY B 13 5.71 -17.04 16.67
C GLY B 13 5.96 -17.62 15.30
N ILE B 14 6.10 -16.74 14.31
CA ILE B 14 6.22 -17.12 12.91
C ILE B 14 7.67 -17.37 12.54
N GLY B 15 8.60 -16.94 13.39
CA GLY B 15 10.04 -17.08 13.13
C GLY B 15 10.76 -15.78 12.79
N LYS B 16 10.20 -14.65 13.21
CA LYS B 16 10.85 -13.36 12.98
C LYS B 16 12.28 -13.35 13.53
N GLY B 17 12.43 -13.76 14.79
CA GLY B 17 13.73 -13.73 15.47
C GLY B 17 14.77 -14.60 14.79
N ILE B 18 14.39 -15.83 14.48
CA ILE B 18 15.27 -16.75 13.76
C ILE B 18 15.68 -16.24 12.38
N ILE B 19 14.77 -15.60 11.65
CA ILE B 19 15.13 -15.04 10.34
C ILE B 19 16.11 -13.86 10.49
N ALA B 20 15.82 -12.96 11.43
CA ALA B 20 16.70 -11.81 11.68
C ALA B 20 18.06 -12.28 12.17
N SER B 21 18.02 -13.19 13.13
CA SER B 21 19.20 -13.83 13.66
C SER B 21 20.05 -14.46 12.56
N SER B 22 19.39 -15.17 11.65
CA SER B 22 20.07 -15.90 10.59
C SER B 22 20.68 -14.98 9.56
N ILE B 23 19.95 -13.93 9.21
CA ILE B 23 20.45 -12.93 8.29
C ILE B 23 21.68 -12.26 8.89
N GLY B 24 21.64 -11.96 10.18
CA GLY B 24 22.80 -11.43 10.89
C GLY B 24 24.01 -12.32 10.73
N THR B 25 23.85 -13.61 11.06
CA THR B 25 24.97 -14.53 11.00
C THR B 25 25.51 -14.65 9.59
N ILE B 26 24.63 -14.71 8.59
CA ILE B 26 25.06 -14.92 7.21
C ILE B 26 25.99 -13.80 6.75
N LEU B 27 25.60 -12.57 7.04
CA LEU B 27 26.36 -11.42 6.56
C LEU B 27 27.69 -11.25 7.31
N LYS B 28 27.70 -11.57 8.61
CA LYS B 28 28.93 -11.56 9.40
C LYS B 28 29.93 -12.56 8.83
N SER B 29 29.41 -13.72 8.44
CA SER B 29 30.16 -14.72 7.70
C SER B 29 30.92 -14.18 6.49
N CYS B 30 30.41 -13.14 5.85
CA CYS B 30 31.10 -12.48 4.72
C CYS B 30 31.97 -11.29 5.19
N GLY B 31 32.12 -11.15 6.50
CA GLY B 31 33.04 -10.18 7.07
C GLY B 31 32.45 -8.81 7.30
N LEU B 32 31.12 -8.71 7.30
CA LEU B 32 30.45 -7.43 7.55
C LEU B 32 30.24 -7.18 9.05
N ARG B 33 30.25 -5.91 9.42
CA ARG B 33 29.95 -5.52 10.79
C ARG B 33 28.43 -5.34 10.85
N VAL B 34 27.78 -6.16 11.67
CA VAL B 34 26.33 -6.23 11.70
C VAL B 34 25.81 -6.10 13.11
N THR B 35 24.78 -5.28 13.28
CA THR B 35 24.15 -5.10 14.58
C THR B 35 22.68 -5.48 14.48
N ALA B 36 22.08 -5.80 15.62
CA ALA B 36 20.70 -6.26 15.71
C ALA B 36 19.96 -5.30 16.62
N ILE B 37 18.74 -4.93 16.26
CA ILE B 37 17.87 -4.25 17.24
C ILE B 37 16.44 -4.76 17.11
N LYS B 38 15.74 -4.74 18.23
CA LYS B 38 14.37 -5.24 18.30
C LYS B 38 13.44 -4.13 18.82
N ILE B 39 12.28 -4.00 18.19
CA ILE B 39 11.23 -3.12 18.68
C ILE B 39 10.00 -3.96 18.88
N ASP B 40 9.52 -4.03 20.12
CA ASP B 40 8.40 -4.89 20.45
C ASP B 40 7.22 -4.05 20.90
N PRO B 41 6.19 -3.93 20.06
CA PRO B 41 5.01 -3.18 20.50
C PRO B 41 4.35 -3.78 21.73
N TYR B 42 3.96 -2.94 22.67
CA TYR B 42 3.39 -3.38 23.93
C TYR B 42 1.89 -3.64 23.80
N ILE B 43 1.45 -4.76 24.36
CA ILE B 43 0.02 -5.12 24.45
C ILE B 43 -0.82 -3.88 24.78
N ASN B 44 -1.79 -3.56 23.92
CA ASN B 44 -2.42 -2.23 23.90
C ASN B 44 -2.90 -1.78 25.27
N ILE B 45 -2.70 -0.50 25.55
CA ILE B 45 -3.03 0.09 26.84
C ILE B 45 -4.30 0.91 26.68
N ASP B 46 -5.40 0.41 27.23
CA ASP B 46 -6.71 1.03 27.08
C ASP B 46 -7.06 1.90 28.27
N ALA B 47 -7.30 3.20 28.03
CA ALA B 47 -7.63 4.13 29.11
C ALA B 47 -8.85 4.97 28.78
N GLY B 48 -9.33 5.69 29.79
CA GLY B 48 -10.46 6.57 29.63
C GLY B 48 -10.79 7.29 30.91
N THR B 49 -11.42 8.45 30.78
CA THR B 49 -11.93 9.20 31.92
C THR B 49 -13.37 8.76 32.13
N PHE B 50 -13.73 8.44 33.37
CA PHE B 50 -15.10 8.15 33.75
C PHE B 50 -15.60 9.36 34.53
N SER B 51 -16.85 9.78 34.35
CA SER B 51 -17.34 11.00 35.00
C SER B 51 -18.72 10.85 35.60
N PRO B 52 -18.82 10.82 36.95
CA PRO B 52 -20.13 10.81 37.60
C PRO B 52 -20.82 12.14 37.45
N TYR B 53 -22.14 12.14 37.66
CA TYR B 53 -22.96 13.34 37.50
C TYR B 53 -22.37 14.49 38.32
N GLU B 54 -22.33 14.36 39.65
CA GLU B 54 -21.79 15.40 40.54
C GLU B 54 -20.72 14.87 41.51
N HIS B 55 -19.61 14.38 40.95
CA HIS B 55 -18.47 13.93 41.75
C HIS B 55 -17.22 13.79 40.86
N GLY B 56 -16.04 13.81 41.48
CA GLY B 56 -14.76 13.77 40.78
C GLY B 56 -14.59 12.73 39.69
N GLU B 57 -13.81 13.12 38.68
CA GLU B 57 -13.43 12.24 37.58
C GLU B 57 -12.38 11.23 38.04
N VAL B 58 -12.68 9.95 37.87
CA VAL B 58 -11.69 8.86 38.04
C VAL B 58 -11.13 8.53 36.68
N PHE B 59 -9.81 8.36 36.56
CA PHE B 59 -9.16 8.01 35.27
C PHE B 59 -8.69 6.56 35.33
N VAL B 60 -9.32 5.68 34.56
CA VAL B 60 -9.05 4.24 34.66
C VAL B 60 -8.02 3.79 33.63
N LEU B 61 -6.98 3.10 34.10
CA LEU B 61 -5.96 2.48 33.24
C LEU B 61 -6.13 0.97 33.22
N ASN B 62 -5.21 0.30 32.50
CA ASN B 62 -5.34 -1.11 32.20
C ASN B 62 -3.95 -1.78 32.21
N ASP B 63 -3.72 -2.74 33.12
CA ASP B 63 -2.44 -3.50 33.17
C ASP B 63 -2.19 -4.29 31.90
N GLY B 64 -0.95 -4.29 31.41
CA GLY B 64 -0.58 -5.05 30.21
C GLY B 64 -0.16 -6.48 30.51
N GLY B 65 1.12 -6.65 30.84
CA GLY B 65 1.69 -7.93 31.29
C GLY B 65 2.90 -7.65 32.17
N GLU B 66 2.65 -7.03 33.33
CA GLU B 66 3.71 -6.35 34.06
C GLU B 66 3.43 -6.24 35.56
N VAL B 111 12.32 3.44 31.44
CA VAL B 111 11.07 3.96 30.91
C VAL B 111 11.19 5.43 30.46
N GLN B 112 11.04 5.69 29.16
CA GLN B 112 11.10 7.04 28.59
C GLN B 112 9.72 7.42 28.08
N VAL B 113 9.40 8.71 28.15
CA VAL B 113 8.09 9.21 27.74
C VAL B 113 8.28 10.33 26.74
N VAL B 114 7.93 10.06 25.48
CA VAL B 114 8.17 10.97 24.35
C VAL B 114 6.86 11.63 23.87
N PRO B 115 6.97 12.81 23.21
CA PRO B 115 5.74 13.34 22.58
C PRO B 115 5.30 12.50 21.37
N HIS B 116 6.17 12.27 20.39
CA HIS B 116 5.83 11.48 19.20
C HIS B 116 6.63 10.17 19.12
N ILE B 117 5.93 9.04 19.29
CA ILE B 117 6.55 7.72 19.23
C ILE B 117 7.23 7.47 17.88
N THR B 118 6.60 7.95 16.82
CA THR B 118 7.11 7.82 15.46
C THR B 118 8.48 8.46 15.23
N ASP B 119 8.66 9.67 15.76
CA ASP B 119 9.96 10.35 15.70
C ASP B 119 10.98 9.67 16.62
N ALA B 120 10.51 9.21 17.78
CA ALA B 120 11.36 8.55 18.77
C ALA B 120 11.90 7.22 18.24
N VAL B 121 11.06 6.48 17.52
CA VAL B 121 11.51 5.22 16.90
C VAL B 121 12.66 5.47 15.93
N GLN B 122 12.49 6.42 15.02
CA GLN B 122 13.46 6.68 13.96
C GLN B 122 14.75 7.32 14.47
N GLU B 123 14.67 8.10 15.54
CA GLU B 123 15.87 8.68 16.17
C GLU B 123 16.65 7.56 16.88
N TRP B 124 15.93 6.73 17.64
CA TRP B 124 16.56 5.66 18.42
C TRP B 124 17.16 4.54 17.55
N VAL B 125 16.52 4.27 16.41
CA VAL B 125 17.05 3.29 15.46
C VAL B 125 18.33 3.81 14.82
N MET B 126 18.32 5.05 14.35
CA MET B 126 19.49 5.64 13.68
C MET B 126 20.70 5.70 14.59
N ASN B 127 20.48 6.07 15.85
CA ASN B 127 21.57 6.20 16.82
C ASN B 127 22.14 4.86 17.31
N GLN B 128 21.28 3.90 17.66
CA GLN B 128 21.77 2.59 18.12
C GLN B 128 22.53 1.86 17.04
N ALA B 129 22.08 2.00 15.80
CA ALA B 129 22.75 1.35 14.67
C ALA B 129 24.25 1.73 14.62
N LYS B 130 24.59 2.95 15.03
CA LYS B 130 26.01 3.40 15.06
C LYS B 130 26.85 2.76 16.16
N VAL B 131 26.23 2.42 17.29
CA VAL B 131 26.97 1.85 18.45
C VAL B 131 27.75 0.58 18.09
N PRO B 132 29.09 0.63 18.16
CA PRO B 132 29.90 -0.55 17.80
C PRO B 132 29.52 -1.82 18.56
N VAL B 133 29.57 -2.96 17.89
CA VAL B 133 29.15 -4.23 18.52
C VAL B 133 30.19 -5.33 18.31
N ASP B 134 30.02 -6.43 19.05
CA ASP B 134 30.98 -7.54 19.08
C ASP B 134 32.34 -6.96 19.54
N GLY B 135 33.42 -7.20 18.79
CA GLY B 135 34.63 -6.37 18.97
C GLY B 135 34.49 -5.19 18.02
N ASN B 136 35.40 -5.11 17.06
CA ASN B 136 35.21 -4.30 15.84
C ASN B 136 35.18 -2.78 15.99
N LYS B 137 34.88 -2.28 17.19
CA LYS B 137 35.27 -0.90 17.60
C LYS B 137 34.80 0.21 16.64
N GLU B 138 34.31 -0.16 15.46
CA GLU B 138 33.90 0.76 14.42
C GLU B 138 32.40 0.65 14.18
N GLU B 139 31.88 1.64 13.46
CA GLU B 139 30.46 1.75 13.16
C GLU B 139 30.00 0.56 12.33
N PRO B 140 28.92 -0.12 12.77
CA PRO B 140 28.40 -1.22 11.97
C PRO B 140 28.04 -0.80 10.56
N GLN B 141 28.01 -1.78 9.65
CA GLN B 141 27.68 -1.53 8.25
C GLN B 141 26.21 -1.85 7.95
N ILE B 142 25.69 -2.88 8.61
CA ILE B 142 24.30 -3.30 8.43
C ILE B 142 23.62 -3.43 9.77
N CYS B 143 22.38 -2.95 9.84
CA CYS B 143 21.55 -3.07 11.03
C CYS B 143 20.33 -3.90 10.71
N VAL B 144 20.19 -5.04 11.36
CA VAL B 144 19.03 -5.87 11.17
C VAL B 144 18.01 -5.52 12.24
N ILE B 145 16.91 -4.88 11.81
CA ILE B 145 15.82 -4.47 12.70
C ILE B 145 14.74 -5.55 12.77
N GLU B 146 14.35 -5.91 13.98
CA GLU B 146 13.33 -6.92 14.23
C GLU B 146 12.11 -6.22 14.82
N LEU B 147 10.99 -6.29 14.11
CA LEU B 147 9.74 -5.67 14.57
C LEU B 147 8.78 -6.74 15.09
N GLY B 148 8.58 -6.74 16.41
CA GLY B 148 7.68 -7.70 17.04
C GLY B 148 6.22 -7.48 16.70
N GLY B 149 5.36 -8.36 17.21
CA GLY B 149 3.97 -8.37 16.81
C GLY B 149 3.79 -8.88 15.38
N THR B 150 2.57 -8.81 14.89
CA THR B 150 2.26 -9.25 13.54
C THR B 150 1.60 -8.09 12.80
N ILE B 151 1.96 -7.95 11.52
CA ILE B 151 1.37 -6.91 10.71
C ILE B 151 -0.15 -7.07 10.78
N GLY B 152 -0.85 -5.96 11.00
CA GLY B 152 -2.29 -6.00 11.26
C GLY B 152 -2.67 -5.79 12.72
N ASP B 153 -1.77 -6.11 13.63
CA ASP B 153 -1.98 -5.79 15.04
C ASP B 153 -2.23 -4.29 15.21
N ILE B 154 -3.26 -3.94 15.97
CA ILE B 154 -3.53 -2.53 16.26
C ILE B 154 -2.29 -1.85 16.86
N GLU B 155 -1.59 -2.55 17.76
CA GLU B 155 -0.45 -1.96 18.47
C GLU B 155 0.78 -1.74 17.60
N GLY B 156 0.89 -2.49 16.50
CA GLY B 156 2.01 -2.36 15.58
C GLY B 156 1.95 -1.15 14.66
N MET B 157 0.78 -0.51 14.53
CA MET B 157 0.56 0.50 13.48
C MET B 157 1.50 1.69 13.56
N PRO B 158 1.69 2.29 14.76
CA PRO B 158 2.62 3.41 14.88
C PRO B 158 4.07 3.08 14.51
N PHE B 159 4.49 1.85 14.79
CA PHE B 159 5.86 1.46 14.46
C PHE B 159 6.01 1.18 12.97
N VAL B 160 5.01 0.55 12.35
CA VAL B 160 5.06 0.39 10.89
C VAL B 160 5.04 1.75 10.21
N GLU B 161 4.29 2.68 10.79
CA GLU B 161 4.28 4.04 10.28
C GLU B 161 5.68 4.64 10.39
N ALA B 162 6.34 4.38 11.51
CA ALA B 162 7.69 4.86 11.73
C ALA B 162 8.62 4.47 10.59
N PHE B 163 8.52 3.21 10.18
CA PHE B 163 9.41 2.66 9.16
C PHE B 163 9.00 3.04 7.74
N ARG B 164 7.71 3.30 7.54
CA ARG B 164 7.25 3.84 6.27
C ARG B 164 7.99 5.15 6.04
N GLN B 165 7.96 6.02 7.03
CA GLN B 165 8.66 7.30 6.96
C GLN B 165 10.16 7.10 6.83
N PHE B 166 10.69 6.15 7.60
CA PHE B 166 12.13 5.93 7.67
C PHE B 166 12.76 5.49 6.35
N GLN B 167 12.05 4.66 5.59
CA GLN B 167 12.60 4.13 4.32
C GLN B 167 12.98 5.22 3.32
N PHE B 168 12.30 6.37 3.43
CA PHE B 168 12.59 7.55 2.60
C PHE B 168 13.70 8.42 3.14
N LYS B 169 13.93 8.37 4.46
CA LYS B 169 15.08 9.04 5.07
C LYS B 169 16.34 8.25 4.79
N ALA B 170 16.28 6.94 5.01
CA ALA B 170 17.41 6.05 4.72
C ALA B 170 17.76 6.02 3.23
N LYS B 171 16.77 6.32 2.36
CA LYS B 171 16.89 6.12 0.92
C LYS B 171 16.89 4.61 0.58
N ARG B 172 16.52 4.29 -0.65
CA ARG B 172 16.19 2.91 -1.04
C ARG B 172 17.41 1.99 -1.12
N GLU B 173 18.52 2.54 -1.56
CA GLU B 173 19.78 1.79 -1.66
C GLU B 173 20.36 1.38 -0.30
N ASN B 174 19.80 1.89 0.80
CA ASN B 174 20.25 1.56 2.16
C ASN B 174 19.18 0.96 3.05
N PHE B 175 18.05 0.58 2.48
CA PHE B 175 16.91 0.09 3.26
C PHE B 175 16.05 -0.91 2.46
N CYS B 176 15.78 -2.05 3.09
CA CYS B 176 14.87 -3.03 2.54
C CYS B 176 14.15 -3.73 3.66
N ASN B 177 13.08 -4.45 3.34
CA ASN B 177 12.34 -5.15 4.37
C ASN B 177 11.88 -6.53 3.93
N ILE B 178 11.68 -7.37 4.93
CA ILE B 178 11.57 -8.79 4.74
C ILE B 178 10.37 -9.22 5.55
N HIS B 179 9.42 -9.88 4.89
CA HIS B 179 8.16 -10.20 5.54
C HIS B 179 8.09 -11.68 5.72
N VAL B 180 7.97 -12.11 6.96
CA VAL B 180 7.96 -13.53 7.32
C VAL B 180 6.52 -13.95 7.56
N SER B 181 5.93 -14.69 6.63
CA SER B 181 4.48 -15.00 6.67
C SER B 181 4.19 -16.49 6.73
N LEU B 182 3.01 -16.87 7.20
CA LEU B 182 2.63 -18.29 7.30
C LEU B 182 1.97 -18.78 6.01
N VAL B 183 2.32 -20.00 5.63
CA VAL B 183 1.58 -20.79 4.64
C VAL B 183 1.00 -22.03 5.35
N PRO B 184 -0.28 -21.97 5.73
CA PRO B 184 -0.82 -23.08 6.51
C PRO B 184 -1.09 -24.30 5.69
N GLN B 185 -1.35 -25.41 6.37
CA GLN B 185 -1.61 -26.69 5.72
C GLN B 185 -2.29 -27.65 6.68
N LEU B 186 -3.54 -28.00 6.40
CA LEU B 186 -4.24 -29.01 7.19
C LEU B 186 -3.76 -30.45 6.86
N SER B 187 -3.54 -31.27 7.87
CA SER B 187 -3.17 -32.66 7.68
C SER B 187 -4.22 -33.44 6.86
N ALA B 188 -5.49 -33.09 6.99
CA ALA B 188 -6.59 -33.76 6.25
C ALA B 188 -6.47 -33.72 4.71
N THR B 189 -5.79 -32.72 4.15
CA THR B 189 -5.73 -32.53 2.70
C THR B 189 -4.32 -32.46 2.15
N GLY B 190 -3.38 -31.97 2.95
CA GLY B 190 -2.01 -31.75 2.51
C GLY B 190 -1.79 -30.46 1.74
N GLU B 191 -2.87 -29.76 1.39
CA GLU B 191 -2.76 -28.61 0.49
C GLU B 191 -2.31 -27.37 1.23
N GLN B 192 -1.14 -26.87 0.85
CA GLN B 192 -0.61 -25.61 1.34
C GLN B 192 -1.35 -24.44 0.71
N LYS B 193 -1.53 -23.36 1.47
CA LYS B 193 -2.38 -22.24 1.05
C LYS B 193 -1.63 -20.92 1.01
N THR B 194 -1.93 -20.12 0.00
CA THR B 194 -1.26 -18.85 -0.19
C THR B 194 -2.12 -17.66 0.27
N LYS B 195 -3.41 -17.88 0.49
CA LYS B 195 -4.30 -16.76 0.78
C LYS B 195 -3.90 -15.92 2.00
N PRO B 196 -3.63 -16.58 3.14
CA PRO B 196 -3.19 -15.84 4.31
C PRO B 196 -2.01 -14.93 4.00
N THR B 197 -1.03 -15.43 3.25
CA THR B 197 0.15 -14.62 2.90
C THR B 197 -0.18 -13.53 1.88
N GLN B 198 -1.04 -13.84 0.92
CA GLN B 198 -1.53 -12.82 0.00
C GLN B 198 -2.09 -11.64 0.74
N ASN B 199 -2.97 -11.93 1.70
CA ASN B 199 -3.66 -10.90 2.45
C ASN B 199 -2.71 -10.14 3.35
N SER B 200 -1.81 -10.87 4.01
CA SER B 200 -0.78 -10.26 4.84
C SER B 200 0.07 -9.27 4.05
N VAL B 201 0.55 -9.68 2.88
CA VAL B 201 1.34 -8.78 2.03
C VAL B 201 0.52 -7.53 1.65
N ARG B 202 -0.77 -7.69 1.36
CA ARG B 202 -1.61 -6.52 1.06
C ARG B 202 -1.73 -5.57 2.24
N ALA B 203 -1.99 -6.11 3.43
CA ALA B 203 -1.98 -5.31 4.66
C ALA B 203 -0.67 -4.52 4.77
N LEU B 204 0.45 -5.21 4.56
CA LEU B 204 1.76 -4.57 4.66
C LEU B 204 1.92 -3.43 3.66
N ARG B 205 1.55 -3.68 2.41
CA ARG B 205 1.58 -2.63 1.38
C ARG B 205 0.66 -1.49 1.73
N GLY B 206 -0.47 -1.82 2.39
CA GLY B 206 -1.47 -0.83 2.77
C GLY B 206 -0.92 0.16 3.79
N LEU B 207 -0.05 -0.34 4.65
CA LEU B 207 0.61 0.44 5.67
C LEU B 207 1.88 1.11 5.14
N GLY B 208 2.16 0.97 3.84
CA GLY B 208 3.18 1.77 3.18
C GLY B 208 4.52 1.10 2.89
N LEU B 209 4.68 -0.16 3.25
CA LEU B 209 5.92 -0.90 2.99
C LEU B 209 5.70 -1.98 1.93
N SER B 210 6.62 -2.03 0.98
CA SER B 210 6.63 -3.08 -0.02
C SER B 210 7.72 -4.09 0.34
N PRO B 211 7.35 -5.38 0.42
CA PRO B 211 8.31 -6.37 0.85
C PRO B 211 9.31 -6.69 -0.26
N ASP B 212 10.60 -6.61 0.09
CA ASP B 212 11.67 -6.88 -0.84
C ASP B 212 11.94 -8.39 -0.90
N LEU B 213 11.76 -9.09 0.22
CA LEU B 213 11.69 -10.55 0.22
C LEU B 213 10.50 -11.01 1.04
N ILE B 214 9.83 -12.06 0.56
CA ILE B 214 8.78 -12.72 1.32
C ILE B 214 9.34 -14.06 1.77
N VAL B 215 9.46 -14.26 3.09
CA VAL B 215 9.89 -15.53 3.63
C VAL B 215 8.68 -16.36 4.04
N CYS B 216 8.41 -17.43 3.30
CA CYS B 216 7.27 -18.30 3.55
C CYS B 216 7.62 -19.42 4.49
N ARG B 217 6.94 -19.46 5.63
CA ARG B 217 7.19 -20.46 6.68
C ARG B 217 6.13 -21.51 6.58
N SER B 218 6.48 -22.77 6.79
CA SER B 218 5.49 -23.85 6.70
C SER B 218 5.99 -25.10 7.39
N SER B 219 5.08 -26.02 7.69
CA SER B 219 5.41 -27.25 8.41
C SER B 219 6.29 -28.15 7.57
N THR B 220 5.83 -28.46 6.36
CA THR B 220 6.61 -29.26 5.42
C THR B 220 7.12 -28.33 4.32
N PRO B 221 8.10 -28.79 3.53
CA PRO B 221 8.66 -27.88 2.51
C PRO B 221 7.66 -27.48 1.41
N ILE B 222 7.88 -26.32 0.80
CA ILE B 222 6.95 -25.79 -0.19
C ILE B 222 7.28 -26.27 -1.60
N GLU B 223 6.23 -26.73 -2.29
CA GLU B 223 6.39 -27.25 -3.64
C GLU B 223 6.33 -26.10 -4.66
N MET B 224 6.97 -26.32 -5.82
CA MET B 224 7.20 -25.25 -6.79
C MET B 224 5.92 -24.51 -7.22
N ALA B 225 4.81 -25.23 -7.32
CA ALA B 225 3.54 -24.65 -7.74
C ALA B 225 3.05 -23.60 -6.75
N VAL B 226 3.20 -23.88 -5.45
CA VAL B 226 2.80 -22.95 -4.42
C VAL B 226 3.77 -21.76 -4.37
N LYS B 227 5.06 -22.04 -4.57
CA LYS B 227 6.08 -20.97 -4.62
C LYS B 227 5.85 -20.05 -5.83
N GLU B 228 5.25 -20.60 -6.87
CA GLU B 228 4.91 -19.86 -8.09
C GLU B 228 3.70 -18.96 -7.84
N LYS B 229 2.70 -19.48 -7.14
CA LYS B 229 1.53 -18.69 -6.76
C LYS B 229 1.88 -17.50 -5.87
N ILE B 230 2.80 -17.69 -4.93
CA ILE B 230 3.13 -16.60 -4.01
C ILE B 230 3.75 -15.47 -4.80
N SER B 231 4.76 -15.83 -5.59
CA SER B 231 5.41 -14.90 -6.51
C SER B 231 4.42 -14.11 -7.35
N MET B 232 3.43 -14.80 -7.90
CA MET B 232 2.55 -14.20 -8.89
C MET B 232 1.45 -13.35 -8.23
N PHE B 233 0.84 -13.88 -7.17
CA PHE B 233 -0.20 -13.16 -6.45
C PHE B 233 0.28 -12.15 -5.41
N CYS B 234 1.56 -12.15 -5.03
CA CYS B 234 2.09 -11.09 -4.17
C CYS B 234 2.96 -10.13 -4.95
N HIS B 235 3.01 -10.30 -6.26
CA HIS B 235 3.69 -9.38 -7.17
C HIS B 235 5.15 -9.10 -6.80
N VAL B 236 5.90 -10.17 -6.59
CA VAL B 236 7.33 -10.08 -6.45
C VAL B 236 7.94 -11.07 -7.43
N ASN B 237 9.18 -10.84 -7.85
CA ASN B 237 9.87 -11.80 -8.70
C ASN B 237 10.12 -13.13 -7.99
N PRO B 238 10.22 -14.23 -8.76
CA PRO B 238 10.43 -15.55 -8.15
C PRO B 238 11.55 -15.60 -7.11
N GLU B 239 12.63 -14.87 -7.36
CA GLU B 239 13.82 -14.91 -6.49
C GLU B 239 13.58 -14.23 -5.13
N GLN B 240 12.53 -13.42 -5.05
CA GLN B 240 12.18 -12.70 -3.83
C GLN B 240 11.31 -13.53 -2.89
N VAL B 241 10.90 -14.71 -3.34
CA VAL B 241 10.15 -15.65 -2.51
C VAL B 241 11.14 -16.67 -1.98
N ILE B 242 11.36 -16.65 -0.67
CA ILE B 242 12.29 -17.55 0.00
C ILE B 242 11.46 -18.45 0.91
N CYS B 243 11.68 -19.75 0.83
CA CYS B 243 10.88 -20.70 1.58
C CYS B 243 11.69 -21.39 2.66
N ILE B 244 11.26 -21.23 3.91
CA ILE B 244 11.93 -21.78 5.06
C ILE B 244 10.91 -22.58 5.86
N HIS B 245 10.97 -23.90 5.71
CA HIS B 245 10.05 -24.81 6.36
C HIS B 245 10.57 -25.14 7.75
N ASP B 246 9.77 -25.90 8.51
CA ASP B 246 10.20 -26.35 9.82
C ASP B 246 11.37 -27.34 9.74
N VAL B 247 12.48 -26.98 10.38
CA VAL B 247 13.70 -27.80 10.39
C VAL B 247 14.06 -28.26 11.82
N SER B 248 14.87 -29.32 11.91
CA SER B 248 15.20 -29.96 13.20
C SER B 248 16.30 -29.29 14.03
N SER B 249 17.08 -28.37 13.43
CA SER B 249 17.97 -27.50 14.21
C SER B 249 18.21 -26.17 13.50
N THR B 250 18.30 -25.10 14.29
CA THR B 250 18.18 -23.74 13.76
C THR B 250 19.22 -23.45 12.69
N TYR B 251 20.42 -23.98 12.88
CA TYR B 251 21.50 -23.93 11.89
C TYR B 251 21.06 -24.11 10.43
N ARG B 252 20.09 -24.97 10.20
CA ARG B 252 19.58 -25.22 8.84
C ARG B 252 18.93 -24.01 8.21
N VAL B 253 18.36 -23.13 9.02
CA VAL B 253 17.68 -21.96 8.47
C VAL B 253 18.63 -21.08 7.61
N PRO B 254 19.77 -20.63 8.17
CA PRO B 254 20.74 -19.89 7.34
C PRO B 254 21.13 -20.65 6.06
N VAL B 255 21.39 -21.95 6.18
CA VAL B 255 21.73 -22.78 5.02
C VAL B 255 20.66 -22.69 3.91
N LEU B 256 19.39 -22.76 4.29
CA LEU B 256 18.30 -22.70 3.31
C LEU B 256 18.23 -21.32 2.68
N LEU B 257 18.44 -20.29 3.48
CA LEU B 257 18.46 -18.94 2.96
C LEU B 257 19.56 -18.83 1.90
N GLU B 258 20.75 -19.35 2.22
CA GLU B 258 21.88 -19.26 1.30
C GLU B 258 21.61 -20.09 0.04
N GLU B 259 21.11 -21.31 0.22
CA GLU B 259 20.68 -22.15 -0.92
C GLU B 259 19.73 -21.42 -1.86
N GLN B 260 18.97 -20.47 -1.33
CA GLN B 260 18.01 -19.70 -2.15
C GLN B 260 18.55 -18.30 -2.49
N SER B 261 19.87 -18.20 -2.50
CA SER B 261 20.60 -17.07 -3.06
C SER B 261 20.31 -15.74 -2.36
N ILE B 262 20.03 -15.79 -1.07
CA ILE B 262 19.78 -14.57 -0.32
C ILE B 262 20.92 -13.57 -0.37
N VAL B 263 22.16 -14.03 -0.42
CA VAL B 263 23.32 -13.14 -0.35
C VAL B 263 23.48 -12.35 -1.66
N LYS B 264 23.38 -13.05 -2.80
CA LYS B 264 23.33 -12.42 -4.13
C LYS B 264 22.25 -11.35 -4.20
N TYR B 265 21.14 -11.60 -3.55
CA TYR B 265 20.06 -10.66 -3.55
C TYR B 265 20.42 -9.43 -2.74
N PHE B 266 20.82 -9.63 -1.48
CA PHE B 266 21.19 -8.50 -0.65
C PHE B 266 22.34 -7.70 -1.26
N LYS B 267 23.23 -8.38 -1.99
CA LYS B 267 24.35 -7.71 -2.63
C LYS B 267 23.88 -6.69 -3.66
N GLU B 268 23.00 -7.09 -4.59
CA GLU B 268 22.46 -6.18 -5.60
C GLU B 268 21.59 -5.12 -4.94
N ARG B 269 20.79 -5.56 -3.98
CA ARG B 269 19.72 -4.74 -3.43
C ARG B 269 20.23 -3.64 -2.51
N LEU B 270 21.32 -3.89 -1.78
CA LEU B 270 21.88 -2.92 -0.85
C LEU B 270 23.29 -2.39 -1.26
N HIS B 271 23.80 -2.83 -2.41
CA HIS B 271 25.18 -2.52 -2.83
C HIS B 271 26.21 -2.85 -1.73
N LEU B 272 26.27 -4.12 -1.31
CA LEU B 272 27.21 -4.54 -0.26
C LEU B 272 28.53 -5.08 -0.86
N PRO B 273 29.66 -4.88 -0.14
CA PRO B 273 30.92 -5.64 -0.41
C PRO B 273 30.97 -7.05 0.21
#